data_1I9T
#
_entry.id   1I9T
#
_cell.length_a   62.002
_cell.length_b   98.961
_cell.length_c   71.627
_cell.angle_alpha   90.00
_cell.angle_beta   90.00
_cell.angle_gamma   90.00
#
_symmetry.space_group_name_H-M   'C 2 2 21'
#
loop_
_entity.id
_entity.type
_entity.pdbx_description
1 polymer 'MRNA CAPPING ENZYME'
2 non-polymer 'SULFATE ION'
3 non-polymer 'CACODYLATE ION'
4 non-polymer 'MAGNESIUM ION'
5 non-polymer 'ISOPROPYL ALCOHOL'
6 water water
#
_entity_poly.entity_id   1
_entity_poly.type   'polypeptide(L)'
_entity_poly.pdbx_seq_one_letter_code
;MAYNKIPPRWLNCPRRGQPVAGRFLPLKTMLGPRYDSQVAEENRFHPSMLSNYLKSLKVKMSLLVDLTNTSRFYDRNDIE
KEGIKYIKLQCKGHGECPTTENTETFIRLCERFNERSPPELIGVH(CSO)THGFNRTGFLICAFLVEKMDWSIEAAVATF
AQARPPGIYKGDYLKELFRRYGDIEEAPPPPVLPDWCFEDEDEEDEDEDGKKDS
;
_entity_poly.pdbx_strand_id   A
#
loop_
_chem_comp.id
_chem_comp.type
_chem_comp.name
_chem_comp.formula
CAC non-polymer 'CACODYLATE ION' 'C2 H6 As O2 -1'
IPA non-polymer 'ISOPROPYL ALCOHOL' 'C3 H8 O'
MG non-polymer 'MAGNESIUM ION' 'Mg 2'
SO4 non-polymer 'SULFATE ION' 'O4 S -2'
#
# COMPACT_ATOMS: atom_id res chain seq x y z
N LYS A 5 -4.94 5.21 -20.35
CA LYS A 5 -5.01 3.72 -20.41
C LYS A 5 -4.85 3.11 -19.02
N ILE A 6 -5.50 1.97 -18.73
CA ILE A 6 -5.32 1.39 -17.40
C ILE A 6 -3.86 0.92 -17.33
N PRO A 7 -3.42 0.99 -15.99
N PRO A 7 -3.46 0.92 -15.98
CA PRO A 7 -2.03 0.58 -15.79
CA PRO A 7 -2.05 0.52 -15.77
C PRO A 7 -1.79 -0.87 -16.17
C PRO A 7 -1.80 -0.92 -16.17
N PRO A 8 -0.57 -1.21 -16.58
CA PRO A 8 -0.21 -2.56 -16.96
C PRO A 8 -0.08 -3.44 -15.74
N ARG A 9 -0.44 -4.70 -15.83
CA ARG A 9 -0.39 -5.68 -14.77
C ARG A 9 -1.37 -5.41 -13.61
N TRP A 10 -2.35 -4.58 -13.84
CA TRP A 10 -3.29 -4.24 -12.74
C TRP A 10 -4.43 -5.22 -12.74
N LEU A 11 -4.90 -5.64 -13.92
CA LEU A 11 -6.08 -6.49 -13.97
C LEU A 11 -6.00 -7.78 -13.17
N ASN A 12 -4.87 -8.43 -13.14
CA ASN A 12 -4.67 -9.70 -12.46
C ASN A 12 -4.17 -9.60 -11.04
N CYS A 13 -3.87 -8.38 -10.63
CA CYS A 13 -3.36 -8.11 -9.30
C CYS A 13 -4.48 -8.11 -8.27
N PRO A 14 -4.38 -8.80 -7.15
CA PRO A 14 -5.42 -8.83 -6.15
C PRO A 14 -5.70 -7.40 -5.68
N ARG A 15 -6.95 -7.12 -5.35
CA ARG A 15 -7.26 -5.76 -4.91
C ARG A 15 -6.60 -5.42 -3.59
N ARG A 16 -6.58 -6.38 -2.66
CA ARG A 16 -6.04 -6.07 -1.33
C ARG A 16 -5.20 -7.22 -0.79
N GLY A 17 -4.31 -6.90 0.13
CA GLY A 17 -3.59 -7.92 0.89
C GLY A 17 -4.29 -8.06 2.25
N GLN A 18 -3.73 -8.95 3.09
CA GLN A 18 -4.27 -9.08 4.44
C GLN A 18 -3.78 -7.87 5.21
N PRO A 19 -4.40 -7.51 6.31
CA PRO A 19 -3.92 -6.39 7.09
C PRO A 19 -2.57 -6.75 7.69
N VAL A 20 -1.71 -5.75 7.84
CA VAL A 20 -0.37 -5.92 8.37
C VAL A 20 -0.26 -5.25 9.72
N ALA A 21 0.17 -6.04 10.72
CA ALA A 21 0.33 -5.56 12.09
C ALA A 21 -0.94 -5.04 12.71
N GLY A 22 -2.09 -5.53 12.24
CA GLY A 22 -3.41 -5.15 12.70
C GLY A 22 -3.80 -3.71 12.39
N ARG A 23 -3.08 -3.10 11.43
CA ARG A 23 -3.31 -1.70 11.15
C ARG A 23 -3.28 -1.25 9.70
N PHE A 24 -2.38 -1.81 8.90
CA PHE A 24 -2.27 -1.33 7.52
C PHE A 24 -2.94 -2.25 6.51
N LEU A 25 -3.70 -1.71 5.57
CA LEU A 25 -4.30 -2.57 4.56
C LEU A 25 -3.69 -2.23 3.22
N PRO A 26 -2.82 -3.08 2.69
CA PRO A 26 -2.17 -2.81 1.41
C PRO A 26 -3.11 -3.07 0.26
N LEU A 27 -3.16 -2.14 -0.69
CA LEU A 27 -4.09 -2.18 -1.80
C LEU A 27 -3.39 -1.82 -3.11
N LYS A 28 -3.93 -2.31 -4.24
CA LYS A 28 -3.53 -1.71 -5.52
C LYS A 28 -4.41 -0.46 -5.70
N THR A 29 -4.10 0.40 -6.68
CA THR A 29 -4.96 1.59 -6.81
C THR A 29 -6.36 1.20 -7.23
N MET A 30 -7.35 1.94 -6.74
CA MET A 30 -8.71 1.80 -7.28
C MET A 30 -8.67 2.48 -8.66
N LEU A 31 -9.67 2.16 -9.47
CA LEU A 31 -9.88 2.79 -10.78
C LEU A 31 -11.37 3.18 -10.82
N GLY A 32 -11.64 4.46 -10.99
CA GLY A 32 -13.07 4.85 -10.95
C GLY A 32 -13.82 4.42 -12.18
N PRO A 33 -15.12 4.72 -12.22
CA PRO A 33 -15.98 4.41 -13.33
C PRO A 33 -15.48 4.97 -14.65
N ARG A 34 -14.62 5.97 -14.74
CA ARG A 34 -14.06 6.54 -15.94
C ARG A 34 -13.35 5.45 -16.75
N TYR A 35 -12.83 4.41 -16.08
CA TYR A 35 -12.21 3.30 -16.74
C TYR A 35 -13.11 2.11 -17.02
N ASP A 36 -14.40 2.17 -16.84
CA ASP A 36 -15.31 1.07 -17.03
C ASP A 36 -15.30 0.50 -18.44
N SER A 37 -14.99 1.31 -19.44
CA SER A 37 -14.99 0.75 -20.81
C SER A 37 -13.76 -0.11 -21.03
N GLN A 38 -12.70 0.03 -20.22
CA GLN A 38 -11.50 -0.77 -20.38
C GLN A 38 -11.40 -1.93 -19.40
N VAL A 39 -12.30 -2.02 -18.42
CA VAL A 39 -12.25 -3.01 -17.35
C VAL A 39 -13.57 -3.76 -17.20
N ALA A 40 -13.55 -5.05 -17.43
CA ALA A 40 -14.76 -5.88 -17.33
C ALA A 40 -15.30 -5.86 -15.91
N GLU A 41 -16.60 -6.01 -15.74
CA GLU A 41 -17.29 -5.95 -14.45
C GLU A 41 -16.59 -6.73 -13.35
N GLU A 42 -16.20 -7.97 -13.64
CA GLU A 42 -15.56 -8.85 -12.70
C GLU A 42 -14.21 -8.35 -12.18
N ASN A 43 -13.53 -7.50 -12.92
CA ASN A 43 -12.25 -6.96 -12.52
C ASN A 43 -12.32 -5.54 -11.98
N ARG A 44 -13.49 -4.95 -11.83
CA ARG A 44 -13.51 -3.55 -11.40
C ARG A 44 -13.11 -3.43 -9.92
N PHE A 45 -12.64 -2.21 -9.64
CA PHE A 45 -12.26 -1.89 -8.25
C PHE A 45 -12.50 -0.39 -8.05
N HIS A 46 -13.79 0.00 -8.10
CA HIS A 46 -14.10 1.40 -7.82
C HIS A 46 -13.85 1.65 -6.34
N PRO A 47 -13.64 2.92 -5.95
CA PRO A 47 -13.55 3.27 -4.53
C PRO A 47 -14.75 2.77 -3.74
N SER A 48 -15.97 2.78 -4.27
CA SER A 48 -17.15 2.28 -3.56
C SER A 48 -17.05 0.85 -3.14
N MET A 49 -16.30 0.02 -3.94
CA MET A 49 -16.12 -1.38 -3.64
C MET A 49 -15.30 -1.56 -2.35
N LEU A 50 -14.28 -0.72 -2.15
CA LEU A 50 -13.51 -0.75 -0.92
C LEU A 50 -14.39 -0.31 0.26
N SER A 51 -15.06 0.83 0.13
CA SER A 51 -15.87 1.26 1.30
C SER A 51 -17.01 0.31 1.56
N ASN A 52 -17.67 -0.23 0.54
CA ASN A 52 -18.76 -1.18 0.81
C ASN A 52 -18.27 -2.46 1.49
N TYR A 53 -17.07 -2.93 1.14
CA TYR A 53 -16.50 -4.10 1.81
C TYR A 53 -16.22 -3.83 3.27
N LEU A 54 -15.58 -2.69 3.56
CA LEU A 54 -15.38 -2.32 4.96
C LEU A 54 -16.69 -2.19 5.74
N LYS A 55 -17.70 -1.56 5.15
CA LYS A 55 -18.98 -1.41 5.84
C LYS A 55 -19.57 -2.78 6.16
N SER A 56 -19.43 -3.74 5.22
CA SER A 56 -19.99 -5.07 5.40
C SER A 56 -19.39 -5.78 6.61
N LEU A 57 -18.16 -5.42 6.97
CA LEU A 57 -17.53 -6.01 8.16
C LEU A 57 -17.55 -5.13 9.38
N LYS A 58 -18.24 -3.99 9.33
CA LYS A 58 -18.31 -3.05 10.43
C LYS A 58 -16.90 -2.60 10.83
N VAL A 59 -16.11 -2.29 9.78
CA VAL A 59 -14.75 -1.79 9.92
C VAL A 59 -14.63 -0.41 9.28
N LYS A 60 -13.90 0.47 9.99
CA LYS A 60 -13.72 1.81 9.45
C LYS A 60 -12.24 1.93 9.02
N MET A 61 -12.05 2.71 7.95
CA MET A 61 -10.69 3.07 7.54
C MET A 61 -10.51 4.52 7.98
N SER A 62 -9.48 4.79 8.77
N SER A 62 -9.48 4.79 8.79
CA SER A 62 -9.28 6.16 9.24
CA SER A 62 -9.24 6.16 9.24
C SER A 62 -8.60 7.06 8.21
C SER A 62 -8.73 7.03 8.09
N LEU A 63 -7.77 6.44 7.37
CA LEU A 63 -6.94 7.19 6.43
C LEU A 63 -6.53 6.31 5.24
N LEU A 64 -6.51 6.86 4.07
CA LEU A 64 -6.08 6.20 2.85
C LEU A 64 -4.90 7.03 2.35
N VAL A 65 -3.74 6.36 2.26
CA VAL A 65 -2.52 7.02 1.78
C VAL A 65 -2.26 6.58 0.34
N ASP A 66 -2.32 7.54 -0.57
CA ASP A 66 -2.14 7.31 -2.00
C ASP A 66 -0.73 7.71 -2.38
N LEU A 67 0.05 6.72 -2.79
CA LEU A 67 1.46 6.90 -3.12
C LEU A 67 1.69 6.90 -4.63
N THR A 68 0.64 7.15 -5.41
CA THR A 68 0.81 7.07 -6.88
C THR A 68 1.33 8.32 -7.54
N ASN A 69 1.31 9.49 -6.92
CA ASN A 69 1.78 10.69 -7.60
C ASN A 69 0.93 11.06 -8.81
N THR A 70 -0.35 10.69 -8.88
CA THR A 70 -1.25 11.05 -9.96
C THR A 70 -2.72 11.14 -9.51
N SER A 71 -3.57 11.92 -10.16
CA SER A 71 -4.98 11.98 -9.78
C SER A 71 -5.85 11.37 -10.86
N ARG A 72 -5.24 10.70 -11.84
CA ARG A 72 -5.97 10.14 -12.95
C ARG A 72 -6.67 8.82 -12.70
N PHE A 73 -6.44 8.16 -11.56
CA PHE A 73 -7.06 6.85 -11.43
C PHE A 73 -8.46 6.84 -10.86
N TYR A 74 -8.68 7.67 -9.84
CA TYR A 74 -10.00 7.75 -9.22
C TYR A 74 -10.17 9.09 -8.54
N ASP A 75 -11.43 9.34 -8.16
CA ASP A 75 -11.78 10.62 -7.55
C ASP A 75 -11.59 10.52 -6.04
N ARG A 76 -10.69 11.33 -5.49
CA ARG A 76 -10.49 11.35 -4.05
C ARG A 76 -11.79 11.67 -3.30
N ASN A 77 -12.76 12.37 -3.85
CA ASN A 77 -13.99 12.61 -3.13
C ASN A 77 -14.78 11.34 -2.83
N ASP A 78 -14.57 10.24 -3.58
CA ASP A 78 -15.30 9.01 -3.32
C ASP A 78 -14.83 8.38 -2.01
N ILE A 79 -13.62 8.70 -1.60
CA ILE A 79 -13.05 8.25 -0.34
C ILE A 79 -13.44 9.22 0.78
N GLU A 80 -13.27 10.50 0.54
CA GLU A 80 -13.56 11.53 1.55
C GLU A 80 -15.03 11.63 1.90
N LYS A 81 -15.94 11.33 0.97
CA LYS A 81 -17.37 11.42 1.27
C LYS A 81 -17.82 10.36 2.25
N GLU A 82 -17.01 9.30 2.39
CA GLU A 82 -17.30 8.24 3.35
C GLU A 82 -16.65 8.50 4.70
N GLY A 83 -16.06 9.66 4.93
CA GLY A 83 -15.45 9.96 6.22
C GLY A 83 -14.04 9.43 6.38
N ILE A 84 -13.40 9.00 5.29
CA ILE A 84 -12.04 8.49 5.33
C ILE A 84 -11.13 9.66 4.94
N LYS A 85 -10.07 9.89 5.72
CA LYS A 85 -9.13 10.96 5.38
C LYS A 85 -8.29 10.52 4.17
N TYR A 86 -8.08 11.38 3.21
CA TYR A 86 -7.33 11.04 2.01
C TYR A 86 -6.05 11.90 1.94
N ILE A 87 -4.91 11.24 1.72
CA ILE A 87 -3.66 12.00 1.57
C ILE A 87 -2.91 11.49 0.35
N LYS A 88 -2.48 12.36 -0.53
CA LYS A 88 -1.64 11.98 -1.68
C LYS A 88 -0.21 12.28 -1.24
N LEU A 89 0.60 11.24 -0.99
CA LEU A 89 1.95 11.41 -0.47
C LEU A 89 2.96 11.20 -1.61
N GLN A 90 3.52 12.30 -2.09
CA GLN A 90 4.40 12.22 -3.26
C GLN A 90 5.73 11.57 -2.88
N CYS A 91 6.07 10.50 -3.60
CA CYS A 91 7.29 9.76 -3.36
C CYS A 91 8.32 9.97 -4.46
N LYS A 92 9.60 9.79 -4.09
CA LYS A 92 10.71 9.92 -5.03
C LYS A 92 10.43 9.14 -6.30
N GLY A 93 10.59 9.76 -7.47
CA GLY A 93 10.32 9.06 -8.72
C GLY A 93 11.53 8.36 -9.32
N HIS A 94 11.53 8.22 -10.64
CA HIS A 94 12.59 7.56 -11.39
C HIS A 94 12.84 6.13 -10.95
N GLY A 95 11.88 5.44 -10.37
CA GLY A 95 12.00 4.10 -9.85
C GLY A 95 12.81 3.96 -8.56
N GLU A 96 13.26 5.04 -7.94
CA GLU A 96 14.06 4.99 -6.74
C GLU A 96 13.21 4.67 -5.52
N CYS A 97 13.82 4.10 -4.47
CA CYS A 97 12.91 3.83 -3.33
C CYS A 97 12.64 5.16 -2.61
N PRO A 98 11.60 5.17 -1.79
CA PRO A 98 11.21 6.34 -1.03
C PRO A 98 12.40 6.86 -0.22
N THR A 99 12.58 8.18 -0.20
CA THR A 99 13.69 8.77 0.54
C THR A 99 13.43 8.69 2.04
N THR A 100 14.43 9.05 2.85
CA THR A 100 14.22 9.14 4.30
C THR A 100 13.19 10.22 4.60
N GLU A 101 13.17 11.32 3.83
CA GLU A 101 12.15 12.35 4.01
C GLU A 101 10.76 11.80 3.72
N ASN A 102 10.60 11.03 2.63
CA ASN A 102 9.31 10.42 2.35
C ASN A 102 8.82 9.50 3.48
N THR A 103 9.75 8.72 4.03
CA THR A 103 9.43 7.80 5.12
C THR A 103 9.07 8.54 6.38
N GLU A 104 9.76 9.66 6.68
CA GLU A 104 9.39 10.50 7.82
C GLU A 104 8.01 11.11 7.60
N THR A 105 7.70 11.50 6.37
CA THR A 105 6.38 12.10 6.09
C THR A 105 5.27 11.09 6.36
N PHE A 106 5.55 9.87 5.88
CA PHE A 106 4.60 8.77 6.09
C PHE A 106 4.40 8.43 7.56
N ILE A 107 5.51 8.36 8.32
CA ILE A 107 5.39 8.04 9.73
C ILE A 107 4.70 9.14 10.52
N ARG A 108 4.98 10.41 10.25
CA ARG A 108 4.37 11.56 10.91
C ARG A 108 2.86 11.54 10.69
N LEU A 109 2.45 11.21 9.45
CA LEU A 109 1.04 11.13 9.13
C LEU A 109 0.36 9.94 9.82
N CYS A 110 0.92 8.75 9.63
CA CYS A 110 0.26 7.55 10.18
C CYS A 110 0.23 7.52 11.69
N GLU A 111 1.21 8.14 12.39
CA GLU A 111 1.15 8.13 13.86
C GLU A 111 0.01 8.96 14.40
N ARG A 112 -0.59 9.87 13.66
CA ARG A 112 -1.76 10.60 14.17
C ARG A 112 -3.04 9.76 14.15
N PHE A 113 -3.02 8.60 13.47
CA PHE A 113 -4.21 7.79 13.26
C PHE A 113 -4.17 6.34 13.70
N ASN A 114 -2.99 5.79 13.81
CA ASN A 114 -2.80 4.39 14.19
C ASN A 114 -3.32 4.03 15.57
N GLU A 115 -3.44 4.93 16.53
CA GLU A 115 -3.94 4.58 17.85
C GLU A 115 -5.39 4.94 18.15
N ARG A 116 -6.31 4.92 17.19
CA ARG A 116 -7.71 5.17 17.42
C ARG A 116 -8.45 4.04 18.12
N SER A 117 -9.53 4.33 18.84
CA SER A 117 -10.36 3.31 19.48
C SER A 117 -11.84 3.72 19.38
N PRO A 118 -12.64 2.82 18.83
CA PRO A 118 -12.14 1.55 18.35
C PRO A 118 -11.22 1.65 17.15
N PRO A 119 -10.47 0.56 16.98
CA PRO A 119 -9.45 0.42 15.97
C PRO A 119 -9.99 0.55 14.57
N GLU A 120 -9.16 1.20 13.73
CA GLU A 120 -9.51 1.47 12.35
C GLU A 120 -8.27 1.11 11.53
N LEU A 121 -8.51 0.86 10.25
CA LEU A 121 -7.35 0.54 9.40
C LEU A 121 -6.84 1.79 8.67
N ILE A 122 -5.56 1.70 8.26
CA ILE A 122 -5.01 2.71 7.38
C ILE A 122 -4.77 2.00 6.02
N GLY A 123 -5.43 2.43 4.97
CA GLY A 123 -5.19 1.84 3.64
C GLY A 123 -3.97 2.52 3.07
N VAL A 124 -3.14 1.72 2.35
CA VAL A 124 -1.95 2.25 1.68
C VAL A 124 -1.90 1.73 0.24
N HIS A 125 -1.75 2.58 -0.76
CA HIS A 125 -1.65 2.02 -2.12
C HIS A 125 -0.69 2.84 -2.96
N CSO A 126 -0.08 2.15 -3.92
CA CSO A 126 0.75 2.72 -4.97
CB CSO A 126 2.22 2.26 -4.95
SG CSO A 126 2.55 0.49 -4.61
C CSO A 126 -0.04 2.26 -6.19
O CSO A 126 -1.26 2.03 -6.08
OD CSO A 126 3.83 0.06 -5.34
N THR A 127 0.59 2.06 -7.35
CA THR A 127 -0.25 1.58 -8.48
C THR A 127 -0.66 0.15 -8.30
N HIS A 128 0.32 -0.70 -7.90
CA HIS A 128 0.08 -2.11 -7.71
C HIS A 128 -0.01 -2.60 -6.26
N GLY A 129 0.50 -1.84 -5.30
CA GLY A 129 0.36 -2.26 -3.91
C GLY A 129 1.47 -3.15 -3.38
N PHE A 130 2.65 -3.13 -4.01
CA PHE A 130 3.73 -3.98 -3.46
C PHE A 130 4.98 -3.23 -3.04
N ASN A 131 5.66 -2.55 -3.97
CA ASN A 131 6.97 -1.98 -3.61
C ASN A 131 6.96 -0.70 -2.79
N ARG A 132 6.40 0.40 -3.26
CA ARG A 132 6.37 1.59 -2.40
C ARG A 132 5.51 1.29 -1.17
N THR A 133 4.39 0.61 -1.41
CA THR A 133 3.48 0.31 -0.30
C THR A 133 4.16 -0.51 0.77
N GLY A 134 4.81 -1.63 0.36
CA GLY A 134 5.49 -2.48 1.35
C GLY A 134 6.65 -1.74 1.98
N PHE A 135 7.41 -0.94 1.25
CA PHE A 135 8.55 -0.22 1.82
C PHE A 135 8.12 0.70 2.96
N LEU A 136 7.10 1.52 2.76
CA LEU A 136 6.66 2.47 3.79
C LEU A 136 6.03 1.75 4.96
N ILE A 137 5.21 0.71 4.70
CA ILE A 137 4.66 -0.04 5.83
C ILE A 137 5.79 -0.65 6.66
N CYS A 138 6.78 -1.25 5.99
CA CYS A 138 7.89 -1.86 6.76
C CYS A 138 8.65 -0.84 7.58
N ALA A 139 8.90 0.31 6.94
CA ALA A 139 9.59 1.39 7.67
C ALA A 139 8.79 1.80 8.91
N PHE A 140 7.47 1.91 8.84
CA PHE A 140 6.68 2.27 10.02
C PHE A 140 6.74 1.18 11.06
N LEU A 141 6.70 -0.10 10.63
CA LEU A 141 6.71 -1.19 11.61
C LEU A 141 8.02 -1.16 12.41
N VAL A 142 9.12 -0.86 11.73
CA VAL A 142 10.41 -0.85 12.40
C VAL A 142 10.57 0.40 13.26
N GLU A 143 10.33 1.57 12.65
CA GLU A 143 10.57 2.79 13.41
C GLU A 143 9.57 3.07 14.50
N LYS A 144 8.30 2.76 14.33
CA LYS A 144 7.31 3.08 15.35
C LYS A 144 6.79 1.92 16.15
N MET A 145 6.77 0.71 15.57
CA MET A 145 6.21 -0.44 16.26
C MET A 145 7.25 -1.37 16.83
N ASP A 146 8.53 -1.09 16.61
CA ASP A 146 9.65 -1.87 17.14
C ASP A 146 9.74 -3.30 16.69
N TRP A 147 9.31 -3.54 15.44
CA TRP A 147 9.50 -4.83 14.81
C TRP A 147 10.90 -4.87 14.20
N SER A 148 11.42 -6.07 14.00
CA SER A 148 12.67 -6.19 13.27
C SER A 148 12.34 -6.02 11.79
N ILE A 149 13.36 -5.63 11.00
CA ILE A 149 13.12 -5.49 9.56
C ILE A 149 12.90 -6.86 8.92
N GLU A 150 13.53 -7.90 9.48
CA GLU A 150 13.30 -9.26 8.96
C GLU A 150 11.83 -9.63 9.11
N ALA A 151 11.26 -9.36 10.28
CA ALA A 151 9.87 -9.66 10.56
C ALA A 151 8.94 -8.83 9.67
N ALA A 152 9.25 -7.56 9.48
CA ALA A 152 8.39 -6.69 8.71
C ALA A 152 8.31 -7.16 7.27
N VAL A 153 9.48 -7.41 6.66
CA VAL A 153 9.51 -7.81 5.26
C VAL A 153 8.84 -9.18 5.09
N ALA A 154 9.09 -10.13 5.98
CA ALA A 154 8.46 -11.44 5.86
C ALA A 154 6.95 -11.35 6.04
N THR A 155 6.48 -10.54 6.99
CA THR A 155 5.04 -10.43 7.18
C THR A 155 4.40 -9.82 5.96
N PHE A 156 5.05 -8.77 5.40
CA PHE A 156 4.45 -8.15 4.21
C PHE A 156 4.42 -9.12 3.03
N ALA A 157 5.44 -9.98 2.89
CA ALA A 157 5.47 -10.96 1.82
C ALA A 157 4.35 -11.97 2.00
N GLN A 158 3.99 -12.35 3.21
CA GLN A 158 2.89 -13.30 3.42
C GLN A 158 1.53 -12.62 3.31
N ALA A 159 1.42 -11.35 3.72
CA ALA A 159 0.15 -10.64 3.65
C ALA A 159 -0.25 -10.22 2.25
N ARG A 160 0.73 -9.92 1.41
CA ARG A 160 0.52 -9.36 0.06
C ARG A 160 1.51 -10.01 -0.87
N PRO A 161 1.38 -11.32 -1.08
CA PRO A 161 2.34 -12.09 -1.84
C PRO A 161 2.51 -11.62 -3.27
N PRO A 162 3.74 -11.51 -3.77
CA PRO A 162 4.93 -11.95 -3.12
C PRO A 162 5.71 -10.94 -2.31
N GLY A 163 5.06 -9.83 -1.96
CA GLY A 163 5.72 -8.83 -1.13
C GLY A 163 6.53 -7.88 -1.99
N ILE A 164 7.43 -7.16 -1.33
CA ILE A 164 8.33 -6.26 -2.08
C ILE A 164 9.16 -7.13 -3.02
N TYR A 165 9.17 -6.78 -4.30
CA TYR A 165 9.92 -7.63 -5.24
C TYR A 165 11.04 -6.87 -5.93
N LYS A 166 11.26 -5.61 -5.66
CA LYS A 166 12.41 -4.89 -6.22
C LYS A 166 13.59 -5.10 -5.28
N GLY A 167 14.64 -5.77 -5.78
CA GLY A 167 15.81 -6.06 -4.93
C GLY A 167 16.45 -4.84 -4.33
N ASP A 168 16.48 -3.69 -5.01
CA ASP A 168 17.05 -2.46 -4.47
C ASP A 168 16.23 -1.94 -3.29
N TYR A 169 14.93 -2.24 -3.30
CA TYR A 169 14.10 -1.81 -2.17
C TYR A 169 14.42 -2.64 -0.92
N LEU A 170 14.57 -3.96 -1.15
CA LEU A 170 14.90 -4.84 -0.04
C LEU A 170 16.26 -4.50 0.54
N LYS A 171 17.22 -4.21 -0.37
CA LYS A 171 18.54 -3.84 0.10
C LYS A 171 18.54 -2.53 0.87
N GLU A 172 17.80 -1.53 0.40
CA GLU A 172 17.75 -0.27 1.11
C GLU A 172 17.08 -0.39 2.47
N LEU A 173 16.05 -1.26 2.60
CA LEU A 173 15.43 -1.42 3.92
C LEU A 173 16.41 -2.06 4.90
N PHE A 174 17.22 -3.02 4.43
CA PHE A 174 18.20 -3.67 5.30
C PHE A 174 19.34 -2.69 5.55
N ARG A 175 19.70 -1.84 4.61
CA ARG A 175 20.78 -0.87 4.91
C ARG A 175 20.33 0.10 5.99
N ARG A 176 19.07 0.55 5.91
CA ARG A 176 18.57 1.49 6.91
C ARG A 176 18.33 0.84 8.26
N TYR A 177 17.75 -0.38 8.27
CA TYR A 177 17.27 -0.96 9.51
C TYR A 177 17.91 -2.23 10.02
N GLY A 178 18.80 -2.84 9.24
CA GLY A 178 19.45 -4.09 9.64
C GLY A 178 20.88 -4.13 9.15
N ASP A 179 21.22 -5.24 8.50
CA ASP A 179 22.53 -5.45 7.91
C ASP A 179 22.29 -5.60 6.42
N ILE A 180 22.80 -4.68 5.60
CA ILE A 180 22.61 -4.75 4.17
C ILE A 180 23.08 -6.08 3.59
N GLU A 181 24.10 -6.72 4.15
CA GLU A 181 24.60 -8.00 3.68
C GLU A 181 23.61 -9.13 3.87
N GLU A 182 22.64 -8.98 4.76
CA GLU A 182 21.64 -10.01 4.96
C GLU A 182 20.34 -9.74 4.22
N ALA A 183 20.28 -8.74 3.36
CA ALA A 183 19.05 -8.47 2.62
C ALA A 183 18.73 -9.71 1.77
N PRO A 184 17.47 -10.09 1.72
CA PRO A 184 17.10 -11.24 0.88
C PRO A 184 17.05 -10.82 -0.57
N PRO A 185 17.28 -11.79 -1.47
CA PRO A 185 17.16 -11.52 -2.90
C PRO A 185 15.66 -11.32 -3.15
N PRO A 186 15.29 -10.72 -4.26
CA PRO A 186 13.86 -10.55 -4.54
C PRO A 186 13.26 -11.93 -4.76
N PRO A 187 11.98 -12.11 -4.51
CA PRO A 187 11.30 -13.37 -4.66
C PRO A 187 11.10 -13.68 -6.15
N VAL A 188 10.93 -14.96 -6.43
CA VAL A 188 10.60 -15.34 -7.81
C VAL A 188 9.14 -14.95 -7.97
N LEU A 189 8.75 -14.30 -9.06
CA LEU A 189 7.35 -13.90 -9.19
C LEU A 189 6.42 -15.00 -9.65
N PRO A 190 5.13 -14.86 -9.32
CA PRO A 190 4.10 -15.79 -9.77
C PRO A 190 3.76 -15.54 -11.24
N ASP A 191 3.25 -16.55 -11.94
CA ASP A 191 2.90 -16.49 -13.34
C ASP A 191 1.91 -15.38 -13.71
N TRP A 192 0.99 -14.99 -12.84
CA TRP A 192 0.04 -13.94 -13.17
C TRP A 192 0.65 -12.58 -13.48
N CYS A 193 1.81 -12.22 -12.94
CA CYS A 193 2.47 -10.98 -13.21
C CYS A 193 2.64 -10.57 -14.66
N PHE A 194 2.92 -11.54 -15.55
CA PHE A 194 3.18 -11.24 -16.94
C PHE A 194 2.14 -11.77 -17.91
S SO4 B . -14.87 8.82 -11.98
O1 SO4 B . -13.89 7.74 -12.37
O2 SO4 B . -15.01 8.83 -10.50
O3 SO4 B . -14.41 10.15 -12.47
O4 SO4 B . -16.16 8.41 -12.61
AS CAC C . 3.54 -8.75 -10.40
C1 CAC C . 3.66 -8.73 -8.23
C2 CAC C . 5.59 -8.19 -10.71
MG MG D . -18.97 8.75 -9.34
C1 IPA E . -10.98 -8.76 -3.93
C2 IPA E . -9.65 -9.39 -4.21
C3 IPA E . -8.69 -8.81 -3.23
O2 IPA E . -9.15 -9.10 -5.57
C1 IPA F . -12.55 -4.57 -1.43
C2 IPA F . -12.51 -5.80 -2.28
C3 IPA F . -13.58 -6.71 -1.73
O2 IPA F . -11.26 -6.55 -2.05
#